data_1HJR
#
_entry.id   1HJR
#
_cell.length_a   72.800
_cell.length_b   139.600
_cell.length_c   32.400
_cell.angle_alpha   90.00
_cell.angle_beta   93.00
_cell.angle_gamma   90.00
#
_symmetry.space_group_name_H-M   'P 1 21 1'
#
loop_
_entity.id
_entity.type
_entity.pdbx_description
1 polymer 'HOLLIDAY JUNCTION RESOLVASE (RUVC)'
2 water water
#
_entity_poly.entity_id   1
_entity_poly.type   'polypeptide(L)'
_entity_poly.pdbx_seq_one_letter_code
;AIILGIDPGSRVTGYGVIRQVGRQLSYLGSGCIRTKVDDLPSRLKLIYAGVTEIITQFQPDYFAIEQVFMAKNADSALKL
GQARGVAIVAAVNQELPVFEYAARQVKQTVVGIGSAEKSQVQHMVRTLLKLPANPQADAADALAIAITHCHVSQNAMQ
;
_entity_poly.pdbx_strand_id   A,B,C,D
#
# COMPACT_ATOMS: atom_id res chain seq x y z
N ALA A 1 5.15 -4.46 -11.23
CA ALA A 1 4.84 -4.33 -9.81
C ALA A 1 4.67 -2.87 -9.39
N ILE A 2 5.55 -2.02 -9.87
CA ILE A 2 5.46 -0.61 -9.48
C ILE A 2 5.67 0.30 -10.70
N ILE A 3 4.66 1.07 -11.01
CA ILE A 3 4.58 2.02 -12.12
C ILE A 3 4.54 3.47 -11.61
N LEU A 4 5.21 4.29 -12.40
CA LEU A 4 5.37 5.74 -12.17
C LEU A 4 5.05 6.44 -13.47
N GLY A 5 4.06 7.30 -13.51
CA GLY A 5 3.66 8.07 -14.70
C GLY A 5 4.09 9.52 -14.48
N ILE A 6 4.66 10.24 -15.41
CA ILE A 6 5.05 11.63 -15.08
C ILE A 6 4.44 12.64 -16.02
N ASP A 7 4.23 13.86 -15.55
CA ASP A 7 3.66 14.95 -16.35
C ASP A 7 4.59 16.15 -16.38
N PRO A 8 5.74 16.09 -17.00
CA PRO A 8 6.75 17.17 -17.07
C PRO A 8 6.24 18.52 -17.56
N GLY A 9 6.51 19.55 -16.80
CA GLY A 9 6.02 20.90 -17.18
C GLY A 9 7.13 21.84 -16.70
N SER A 10 7.43 22.72 -17.62
CA SER A 10 8.51 23.70 -17.35
C SER A 10 8.26 24.27 -15.97
N ARG A 11 7.06 24.67 -15.64
CA ARG A 11 6.78 25.22 -14.30
C ARG A 11 6.38 24.12 -13.30
N VAL A 12 5.51 23.16 -13.62
CA VAL A 12 5.12 22.12 -12.68
C VAL A 12 5.18 20.70 -13.23
N THR A 13 5.38 19.69 -12.39
CA THR A 13 5.48 18.30 -12.88
C THR A 13 4.77 17.30 -11.97
N GLY A 14 3.67 16.74 -12.38
CA GLY A 14 2.97 15.76 -11.53
C GLY A 14 3.47 14.32 -11.79
N TYR A 15 3.35 13.56 -10.74
CA TYR A 15 3.71 12.15 -10.70
C TYR A 15 2.60 11.30 -10.04
N GLY A 16 2.70 10.02 -10.34
CA GLY A 16 1.67 9.15 -9.74
C GLY A 16 2.24 7.76 -9.72
N VAL A 17 2.29 7.28 -8.49
CA VAL A 17 2.85 5.88 -8.41
C VAL A 17 1.62 5.07 -7.96
N ILE A 18 1.61 3.88 -8.56
CA ILE A 18 0.55 2.92 -8.23
C ILE A 18 1.34 1.61 -8.20
N ARG A 19 0.71 0.66 -7.57
CA ARG A 19 1.16 -0.71 -7.37
C ARG A 19 0.13 -1.62 -8.02
N GLN A 20 0.61 -2.46 -8.89
CA GLN A 20 -0.27 -3.42 -9.62
C GLN A 20 -0.06 -4.74 -8.97
N VAL A 21 -0.92 -5.40 -8.21
CA VAL A 21 -0.41 -6.74 -7.67
C VAL A 21 -1.37 -7.79 -8.14
N GLY A 22 -0.96 -8.44 -9.21
CA GLY A 22 -1.80 -9.49 -9.81
C GLY A 22 -2.81 -8.86 -10.78
N ARG A 23 -3.79 -8.15 -10.28
CA ARG A 23 -4.84 -7.45 -11.04
C ARG A 23 -5.44 -6.47 -10.03
N GLN A 24 -4.77 -6.47 -8.89
CA GLN A 24 -5.12 -5.61 -7.75
C GLN A 24 -4.32 -4.34 -7.98
N LEU A 25 -5.05 -3.24 -8.01
CA LEU A 25 -4.46 -1.90 -8.24
C LEU A 25 -4.37 -1.18 -6.89
N SER A 26 -3.19 -0.59 -6.70
CA SER A 26 -3.03 0.11 -5.38
C SER A 26 -2.20 1.36 -5.55
N TYR A 27 -2.69 2.40 -4.91
CA TYR A 27 -2.15 3.76 -4.82
C TYR A 27 -1.08 3.93 -3.74
N LEU A 28 0.14 4.31 -4.08
CA LEU A 28 1.25 4.56 -3.19
C LEU A 28 1.32 6.06 -2.82
N GLY A 29 1.23 6.89 -3.85
CA GLY A 29 1.25 8.33 -3.65
C GLY A 29 1.25 9.17 -4.90
N SER A 30 1.07 10.48 -4.70
CA SER A 30 1.09 11.40 -5.84
C SER A 30 1.37 12.80 -5.29
N GLY A 31 1.69 13.68 -6.22
CA GLY A 31 1.98 15.09 -5.89
C GLY A 31 2.44 15.79 -7.16
N CYS A 32 2.98 16.95 -6.93
CA CYS A 32 3.52 17.85 -7.95
C CYS A 32 4.80 18.48 -7.42
N ILE A 33 5.83 18.50 -8.25
CA ILE A 33 7.11 19.15 -7.89
C ILE A 33 6.90 20.52 -8.56
N ARG A 34 7.15 21.54 -7.79
CA ARG A 34 7.03 22.93 -8.16
C ARG A 34 8.43 23.45 -8.49
N THR A 35 8.76 23.40 -9.76
CA THR A 35 10.09 23.84 -10.18
C THR A 35 10.17 25.31 -10.57
N LYS A 36 9.26 26.06 -10.02
CA LYS A 36 9.17 27.51 -10.26
C LYS A 36 10.44 28.18 -9.81
N VAL A 37 11.31 28.57 -10.72
CA VAL A 37 12.58 29.27 -10.50
C VAL A 37 12.99 29.89 -11.88
N ASP A 38 13.47 31.12 -11.74
CA ASP A 38 13.91 31.94 -12.87
C ASP A 38 14.90 31.19 -13.77
N ASP A 39 16.15 31.23 -13.35
CA ASP A 39 17.29 30.62 -14.10
C ASP A 39 17.01 29.20 -14.59
N LEU A 40 16.86 29.11 -15.91
CA LEU A 40 16.60 27.93 -16.73
C LEU A 40 17.51 26.81 -16.28
N PRO A 41 18.80 27.06 -16.29
CA PRO A 41 19.75 26.03 -15.80
C PRO A 41 19.28 25.35 -14.53
N SER A 42 18.61 26.01 -13.59
CA SER A 42 18.15 25.46 -12.33
C SER A 42 16.79 24.80 -12.36
N ARG A 43 15.92 25.27 -13.20
CA ARG A 43 14.58 24.69 -13.34
C ARG A 43 14.76 23.20 -13.70
N LEU A 44 15.48 23.02 -14.80
CA LEU A 44 15.90 21.82 -15.45
C LEU A 44 16.38 20.81 -14.43
N LYS A 45 17.45 21.22 -13.79
CA LYS A 45 18.19 20.48 -12.77
C LYS A 45 17.33 20.08 -11.57
N LEU A 46 16.28 20.84 -11.39
CA LEU A 46 15.28 20.74 -10.32
C LEU A 46 14.24 19.70 -10.78
N ILE A 47 14.14 19.68 -12.10
CA ILE A 47 13.23 18.68 -12.66
C ILE A 47 13.88 17.32 -12.35
N TYR A 48 15.13 17.31 -12.77
CA TYR A 48 16.08 16.20 -12.72
C TYR A 48 16.23 15.57 -11.34
N ALA A 49 16.27 16.39 -10.31
CA ALA A 49 16.43 16.02 -8.90
C ALA A 49 15.13 15.45 -8.35
N GLY A 50 14.13 16.27 -8.46
CA GLY A 50 12.75 16.08 -8.06
C GLY A 50 12.35 14.71 -8.62
N VAL A 51 12.43 14.60 -9.96
CA VAL A 51 12.08 13.32 -10.60
C VAL A 51 12.93 12.18 -9.99
N THR A 52 14.21 12.44 -9.75
CA THR A 52 15.06 11.36 -9.20
C THR A 52 14.73 11.07 -7.74
N GLU A 53 14.34 12.08 -6.99
CA GLU A 53 14.08 11.87 -5.55
C GLU A 53 12.81 11.03 -5.47
N ILE A 54 11.93 11.08 -6.46
CA ILE A 54 10.73 10.23 -6.43
C ILE A 54 11.03 8.77 -6.84
N ILE A 55 12.00 8.67 -7.73
CA ILE A 55 12.43 7.36 -8.21
C ILE A 55 13.06 6.60 -7.03
N THR A 56 13.92 7.29 -6.28
CA THR A 56 14.52 6.54 -5.14
C THR A 56 13.51 6.35 -4.00
N GLN A 57 12.84 7.38 -3.56
CA GLN A 57 11.86 7.37 -2.48
C GLN A 57 10.75 6.36 -2.77
N PHE A 58 10.31 6.31 -4.01
CA PHE A 58 9.17 5.39 -4.30
C PHE A 58 9.63 4.09 -4.88
N GLN A 59 10.58 4.20 -5.79
CA GLN A 59 11.16 2.96 -6.37
C GLN A 59 10.22 2.20 -7.29
N PRO A 60 9.99 2.76 -8.46
CA PRO A 60 9.16 2.19 -9.52
C PRO A 60 9.95 1.14 -10.27
N ASP A 61 9.21 0.44 -11.09
CA ASP A 61 9.79 -0.64 -11.91
C ASP A 61 9.91 -0.09 -13.32
N TYR A 62 8.79 0.56 -13.60
CA TYR A 62 8.52 1.19 -14.89
C TYR A 62 8.37 2.69 -14.77
N PHE A 63 8.52 3.31 -15.89
CA PHE A 63 8.33 4.77 -15.97
C PHE A 63 7.34 4.95 -17.12
N ALA A 64 6.30 5.73 -16.99
CA ALA A 64 5.30 5.92 -18.04
C ALA A 64 5.00 7.39 -18.30
N ILE A 65 5.30 7.87 -19.46
CA ILE A 65 5.10 9.26 -19.88
C ILE A 65 4.12 9.28 -21.07
N GLU A 66 3.29 10.29 -21.09
CA GLU A 66 2.36 10.33 -22.23
C GLU A 66 3.02 11.14 -23.34
N GLN A 67 3.01 10.66 -24.55
CA GLN A 67 3.59 11.34 -25.69
C GLN A 67 2.86 12.70 -25.87
N VAL A 68 3.59 13.63 -26.45
CA VAL A 68 3.10 14.96 -26.77
C VAL A 68 3.19 15.03 -28.31
N PHE A 69 2.09 15.21 -29.00
CA PHE A 69 2.25 15.32 -30.48
C PHE A 69 1.70 16.71 -30.81
N MET A 70 0.40 16.86 -31.00
CA MET A 70 -0.18 18.16 -31.33
C MET A 70 0.02 19.10 -30.15
N ALA A 71 0.30 20.30 -30.52
CA ALA A 71 0.55 21.58 -29.84
C ALA A 71 0.81 22.55 -31.01
N LYS A 72 0.54 23.83 -30.91
CA LYS A 72 0.88 24.60 -32.14
C LYS A 72 1.61 25.89 -31.76
N ASN A 73 1.87 25.96 -30.46
CA ASN A 73 2.63 27.08 -29.89
C ASN A 73 4.13 26.65 -29.90
N ALA A 74 4.94 27.22 -30.76
CA ALA A 74 6.35 26.83 -30.82
C ALA A 74 7.27 27.55 -29.85
N ASP A 75 6.74 28.40 -28.98
CA ASP A 75 7.66 29.05 -28.00
C ASP A 75 7.55 28.12 -26.77
N SER A 76 6.33 27.57 -26.61
CA SER A 76 5.96 26.67 -25.53
C SER A 76 6.38 25.22 -25.76
N ALA A 77 6.53 24.87 -27.02
CA ALA A 77 6.94 23.51 -27.44
C ALA A 77 8.34 23.26 -26.86
N LEU A 78 9.21 24.24 -27.11
CA LEU A 78 10.60 24.32 -26.68
C LEU A 78 10.60 24.45 -25.15
N LYS A 79 9.52 24.96 -24.61
CA LYS A 79 9.51 25.11 -23.14
C LYS A 79 9.08 23.77 -22.58
N LEU A 80 8.24 23.01 -23.26
CA LEU A 80 7.81 21.71 -22.73
C LEU A 80 8.73 20.56 -23.12
N GLY A 81 9.49 20.74 -24.19
CA GLY A 81 10.44 19.80 -24.71
C GLY A 81 11.71 19.68 -23.89
N GLN A 82 12.14 20.73 -23.23
CA GLN A 82 13.36 20.65 -22.38
C GLN A 82 13.11 19.70 -21.20
N ALA A 83 12.22 20.12 -20.35
CA ALA A 83 11.71 19.57 -19.13
C ALA A 83 11.39 18.09 -19.31
N ARG A 84 10.62 17.85 -20.36
CA ARG A 84 10.19 16.45 -20.65
C ARG A 84 11.37 15.61 -21.14
N GLY A 85 12.41 16.27 -21.64
CA GLY A 85 13.61 15.55 -22.05
C GLY A 85 14.46 15.30 -20.76
N VAL A 86 14.45 16.29 -19.87
CA VAL A 86 15.13 16.15 -18.58
C VAL A 86 14.35 15.10 -17.74
N ALA A 87 13.02 15.11 -17.78
CA ALA A 87 12.37 14.10 -16.92
C ALA A 87 12.68 12.67 -17.38
N ILE A 88 12.78 12.32 -18.64
CA ILE A 88 13.05 11.02 -19.23
C ILE A 88 14.43 10.46 -18.95
N VAL A 89 15.43 11.32 -19.03
CA VAL A 89 16.85 11.09 -18.79
C VAL A 89 17.03 10.74 -17.30
N ALA A 90 16.22 11.45 -16.51
CA ALA A 90 16.33 11.26 -15.04
C ALA A 90 16.13 9.77 -14.71
N ALA A 91 15.27 9.18 -15.50
CA ALA A 91 14.88 7.76 -15.35
C ALA A 91 15.81 6.85 -16.13
N VAL A 92 16.32 7.34 -17.23
CA VAL A 92 17.25 6.56 -18.04
C VAL A 92 18.38 6.19 -17.07
N ASN A 93 18.94 7.20 -16.47
CA ASN A 93 20.05 7.11 -15.51
C ASN A 93 19.84 6.41 -14.18
N GLN A 94 18.66 6.01 -13.77
CA GLN A 94 18.28 5.33 -12.56
C GLN A 94 17.99 3.86 -12.96
N GLU A 95 18.10 3.58 -14.22
CA GLU A 95 17.90 2.29 -14.88
C GLU A 95 16.44 1.88 -15.03
N LEU A 96 15.58 2.85 -15.29
CA LEU A 96 14.16 2.62 -15.50
C LEU A 96 13.89 2.52 -17.02
N PRO A 97 13.06 1.54 -17.35
CA PRO A 97 12.58 1.28 -18.72
C PRO A 97 11.44 2.28 -18.87
N VAL A 98 11.52 3.20 -19.82
CA VAL A 98 10.57 4.27 -20.10
C VAL A 98 9.56 4.06 -21.20
N PHE A 99 8.26 4.17 -20.98
CA PHE A 99 7.24 4.00 -22.02
C PHE A 99 6.28 5.18 -22.23
N GLU A 100 6.12 5.55 -23.48
CA GLU A 100 5.24 6.65 -23.93
C GLU A 100 3.86 6.17 -24.45
N TYR A 101 2.77 6.81 -23.99
CA TYR A 101 1.40 6.50 -24.35
C TYR A 101 0.81 7.72 -25.02
N ALA A 102 0.11 7.55 -26.11
CA ALA A 102 -0.45 8.69 -26.84
C ALA A 102 -1.59 9.27 -26.05
N ALA A 103 -1.82 10.56 -25.95
CA ALA A 103 -3.01 10.96 -25.15
C ALA A 103 -4.27 10.16 -25.44
N ARG A 104 -4.53 9.63 -26.61
CA ARG A 104 -5.76 8.85 -26.92
C ARG A 104 -5.74 7.37 -26.46
N GLN A 105 -4.64 6.72 -26.10
CA GLN A 105 -4.72 5.33 -25.62
C GLN A 105 -5.11 5.46 -24.13
N VAL A 106 -4.64 6.59 -23.57
CA VAL A 106 -4.97 6.83 -22.13
C VAL A 106 -6.49 6.93 -21.92
N LYS A 107 -7.17 7.78 -22.67
CA LYS A 107 -8.62 7.95 -22.62
C LYS A 107 -9.28 6.61 -22.95
N GLN A 108 -8.83 5.94 -23.97
CA GLN A 108 -9.43 4.64 -24.31
C GLN A 108 -9.25 3.65 -23.16
N THR A 109 -8.19 3.75 -22.40
CA THR A 109 -7.95 2.78 -21.32
C THR A 109 -8.68 3.02 -20.00
N VAL A 110 -8.88 4.28 -19.63
CA VAL A 110 -9.57 4.54 -18.34
C VAL A 110 -10.99 5.07 -18.52
N VAL A 111 -11.32 5.73 -19.61
CA VAL A 111 -12.65 6.28 -19.81
C VAL A 111 -13.50 5.43 -20.75
N GLY A 112 -12.94 4.52 -21.51
CA GLY A 112 -13.73 3.72 -22.43
C GLY A 112 -13.93 4.40 -23.79
N ILE A 113 -14.00 5.71 -23.82
CA ILE A 113 -14.16 6.51 -25.06
C ILE A 113 -12.79 7.15 -25.31
N GLY A 114 -12.49 7.53 -26.53
CA GLY A 114 -11.22 8.13 -26.95
C GLY A 114 -11.24 9.64 -26.82
N SER A 115 -12.29 10.27 -27.32
CA SER A 115 -12.40 11.74 -27.29
C SER A 115 -12.93 12.29 -25.97
N ALA A 116 -12.62 11.63 -24.88
CA ALA A 116 -13.09 12.06 -23.56
C ALA A 116 -12.39 13.35 -23.16
N GLU A 117 -12.90 13.92 -22.07
CA GLU A 117 -12.34 15.14 -21.48
C GLU A 117 -11.77 14.69 -20.12
N LYS A 118 -10.84 15.47 -19.64
CA LYS A 118 -10.14 15.22 -18.38
C LYS A 118 -11.13 15.18 -17.23
N SER A 119 -12.02 16.13 -17.02
CA SER A 119 -12.91 15.97 -15.85
C SER A 119 -13.34 14.51 -15.73
N GLN A 120 -13.72 13.89 -16.83
CA GLN A 120 -14.15 12.48 -16.89
C GLN A 120 -13.02 11.60 -16.35
N VAL A 121 -11.92 11.60 -17.10
CA VAL A 121 -10.68 10.91 -16.85
C VAL A 121 -10.26 10.88 -15.37
N GLN A 122 -10.08 12.07 -14.82
CA GLN A 122 -9.67 12.33 -13.44
C GLN A 122 -10.78 11.89 -12.47
N HIS A 123 -11.98 12.01 -13.05
CA HIS A 123 -13.19 11.63 -12.25
C HIS A 123 -13.09 10.10 -12.08
N MET A 124 -12.93 9.41 -13.17
CA MET A 124 -12.81 7.96 -13.26
C MET A 124 -11.55 7.39 -12.62
N VAL A 125 -10.50 8.16 -12.38
CA VAL A 125 -9.23 7.68 -11.77
C VAL A 125 -9.41 7.42 -10.27
N ARG A 126 -10.08 8.35 -9.62
CA ARG A 126 -10.38 8.35 -8.21
C ARG A 126 -11.25 7.12 -7.91
N THR A 127 -11.90 6.70 -8.96
CA THR A 127 -12.80 5.52 -8.80
C THR A 127 -11.90 4.29 -8.90
N LEU A 128 -11.28 4.14 -10.07
CA LEU A 128 -10.36 2.99 -10.27
C LEU A 128 -9.64 2.73 -8.94
N LEU A 129 -8.72 3.62 -8.61
CA LEU A 129 -7.98 3.49 -7.36
C LEU A 129 -8.97 3.92 -6.28
N LYS A 130 -10.03 3.18 -6.07
CA LYS A 130 -11.09 3.49 -5.10
C LYS A 130 -10.65 4.59 -4.14
N LEU A 131 -10.67 5.84 -4.56
CA LEU A 131 -10.24 6.92 -3.68
C LEU A 131 -10.96 8.25 -3.84
N PRO A 132 -11.97 8.43 -3.00
CA PRO A 132 -12.74 9.70 -2.98
C PRO A 132 -11.78 10.56 -2.17
N ALA A 133 -10.84 11.15 -2.89
CA ALA A 133 -9.80 11.95 -2.22
C ALA A 133 -9.56 13.37 -2.74
N ASN A 134 -9.15 14.12 -1.72
CA ASN A 134 -8.80 15.50 -1.53
C ASN A 134 -7.58 15.96 -2.34
N PRO A 135 -7.93 16.50 -3.50
CA PRO A 135 -6.93 16.98 -4.45
C PRO A 135 -6.18 18.19 -3.91
N GLN A 136 -4.88 17.96 -3.94
CA GLN A 136 -3.93 19.02 -3.54
C GLN A 136 -4.27 19.93 -4.74
N ALA A 137 -3.41 19.69 -5.72
CA ALA A 137 -3.49 20.31 -7.04
C ALA A 137 -4.23 19.13 -7.70
N ASP A 138 -3.64 18.57 -8.72
CA ASP A 138 -4.27 17.42 -9.37
C ASP A 138 -3.28 16.69 -10.28
N ALA A 139 -2.74 15.66 -9.64
CA ALA A 139 -1.76 14.78 -10.25
C ALA A 139 -2.49 13.62 -10.92
N ALA A 140 -3.79 13.76 -11.01
CA ALA A 140 -4.68 12.79 -11.61
C ALA A 140 -4.27 12.51 -13.06
N ASP A 141 -3.57 13.43 -13.68
CA ASP A 141 -3.04 13.34 -15.05
C ASP A 141 -1.88 12.36 -15.19
N ALA A 142 -1.15 12.10 -14.14
CA ALA A 142 -0.04 11.15 -14.07
C ALA A 142 -0.59 9.80 -13.63
N LEU A 143 -1.57 9.74 -12.75
CA LEU A 143 -2.09 8.41 -12.32
C LEU A 143 -2.74 7.65 -13.49
N ALA A 144 -3.40 8.38 -14.37
CA ALA A 144 -4.07 7.84 -15.55
C ALA A 144 -3.10 7.18 -16.51
N ILE A 145 -1.94 7.77 -16.69
CA ILE A 145 -0.89 7.37 -17.62
C ILE A 145 -0.15 6.18 -17.04
N ALA A 146 -0.04 6.13 -15.73
CA ALA A 146 0.61 5.01 -15.01
C ALA A 146 -0.42 3.86 -15.14
N ILE A 147 -1.70 4.12 -14.92
CA ILE A 147 -2.79 3.17 -15.04
C ILE A 147 -2.82 2.53 -16.44
N THR A 148 -2.52 3.38 -17.42
CA THR A 148 -2.49 2.95 -18.83
C THR A 148 -1.43 1.84 -18.92
N HIS A 149 -0.20 2.18 -18.51
CA HIS A 149 0.85 1.19 -18.54
C HIS A 149 0.38 -0.16 -17.99
N CYS A 150 -0.27 -0.22 -16.84
CA CYS A 150 -0.71 -1.49 -16.23
C CYS A 150 -1.64 -2.28 -17.13
N HIS A 151 -2.41 -1.55 -17.94
CA HIS A 151 -3.32 -2.12 -18.92
C HIS A 151 -2.60 -2.62 -20.16
N VAL A 152 -1.84 -1.75 -20.78
CA VAL A 152 -1.09 -2.06 -22.01
C VAL A 152 0.21 -2.74 -21.62
N SER A 153 0.11 -3.68 -20.71
CA SER A 153 1.22 -4.50 -20.17
C SER A 153 0.63 -5.90 -19.98
N GLN A 154 -0.67 -5.81 -19.77
CA GLN A 154 -1.65 -6.86 -19.59
C GLN A 154 -2.39 -6.99 -20.93
N ASN A 155 -1.67 -7.19 -22.06
CA ASN A 155 -2.46 -7.29 -23.30
C ASN A 155 -2.15 -8.33 -24.37
N ALA A 156 -1.01 -8.81 -24.83
CA ALA A 156 -1.11 -9.80 -25.97
C ALA A 156 -0.38 -11.12 -25.91
N MET A 157 0.84 -11.20 -25.44
CA MET A 157 1.62 -12.43 -25.31
C MET A 157 0.82 -13.73 -25.49
N GLN A 158 0.27 -14.19 -24.38
CA GLN A 158 -0.47 -15.44 -24.21
C GLN A 158 0.65 -16.42 -23.73
N ALA B 1 -2.48 5.58 12.39
CA ALA B 1 -3.15 4.56 13.23
C ALA B 1 -2.34 3.28 13.36
N ILE B 2 -2.59 2.51 14.38
CA ILE B 2 -1.92 1.24 14.63
C ILE B 2 -2.96 0.12 14.45
N ILE B 3 -2.65 -0.85 13.62
CA ILE B 3 -3.58 -1.95 13.37
C ILE B 3 -3.05 -3.26 13.92
N LEU B 4 -3.89 -3.99 14.61
CA LEU B 4 -3.50 -5.30 15.17
C LEU B 4 -4.31 -6.34 14.39
N GLY B 5 -3.56 -7.24 13.80
CA GLY B 5 -4.07 -8.34 13.00
C GLY B 5 -3.96 -9.58 13.92
N ILE B 6 -4.95 -10.46 13.77
CA ILE B 6 -4.85 -11.66 14.66
C ILE B 6 -5.29 -12.90 13.92
N ASP B 7 -4.65 -14.01 14.29
CA ASP B 7 -4.85 -15.37 13.79
C ASP B 7 -4.84 -16.29 15.01
N PRO B 8 -5.99 -16.39 15.66
CA PRO B 8 -6.20 -17.18 16.86
C PRO B 8 -6.44 -18.64 16.67
N GLY B 9 -5.85 -19.34 17.64
CA GLY B 9 -6.04 -20.79 17.61
C GLY B 9 -6.28 -21.33 19.00
N SER B 10 -6.45 -22.63 18.88
CA SER B 10 -6.68 -23.53 20.02
C SER B 10 -5.34 -23.59 20.78
N ARG B 11 -4.27 -23.77 20.02
CA ARG B 11 -2.94 -23.89 20.60
C ARG B 11 -1.92 -22.80 20.31
N VAL B 12 -2.07 -22.00 19.26
CA VAL B 12 -1.09 -20.93 18.96
C VAL B 12 -1.90 -19.80 18.32
N THR B 13 -1.67 -18.57 18.73
CA THR B 13 -2.41 -17.41 18.14
C THR B 13 -1.40 -16.41 17.59
N GLY B 14 -1.49 -16.10 16.28
CA GLY B 14 -0.54 -15.16 15.67
C GLY B 14 -1.02 -13.71 15.55
N TYR B 15 -0.15 -12.75 15.80
CA TYR B 15 -0.47 -11.32 15.75
C TYR B 15 0.49 -10.46 14.95
N GLY B 16 -0.03 -9.45 14.27
CA GLY B 16 0.78 -8.58 13.43
C GLY B 16 0.36 -7.14 13.36
N VAL B 17 1.06 -6.35 14.17
CA VAL B 17 0.85 -4.91 14.30
C VAL B 17 1.76 -4.14 13.36
N ILE B 18 1.10 -3.29 12.63
CA ILE B 18 1.69 -2.40 11.63
C ILE B 18 1.13 -1.01 11.96
N ARG B 19 1.90 -0.02 11.56
CA ARG B 19 1.45 1.37 11.75
C ARG B 19 1.16 1.84 10.33
N GLN B 20 0.16 2.65 10.16
CA GLN B 20 -0.28 3.29 8.94
C GLN B 20 -0.32 4.82 9.09
N VAL B 21 0.73 5.48 8.64
CA VAL B 21 0.80 6.95 8.63
C VAL B 21 0.43 7.36 7.19
N GLY B 22 -0.68 8.01 6.97
CA GLY B 22 -1.04 8.41 5.59
C GLY B 22 -1.18 7.15 4.74
N ARG B 23 -0.24 6.75 3.92
CA ARG B 23 -0.49 5.49 3.16
C ARG B 23 0.75 4.60 3.10
N GLN B 24 1.69 4.81 3.99
CA GLN B 24 2.89 3.94 3.92
C GLN B 24 2.75 2.95 5.08
N LEU B 25 3.11 1.72 4.75
CA LEU B 25 3.03 0.74 5.87
C LEU B 25 4.40 0.83 6.59
N SER B 26 4.41 0.23 7.77
CA SER B 26 5.64 0.15 8.56
C SER B 26 5.29 -0.98 9.56
N TYR B 27 6.21 -1.91 9.64
CA TYR B 27 6.09 -3.05 10.54
C TYR B 27 6.51 -2.69 11.96
N LEU B 28 5.61 -2.80 12.89
CA LEU B 28 5.80 -2.53 14.30
C LEU B 28 6.16 -3.84 15.00
N GLY B 29 5.65 -4.95 14.51
CA GLY B 29 5.95 -6.23 15.15
C GLY B 29 5.12 -7.37 14.57
N SER B 30 5.40 -8.56 15.03
CA SER B 30 4.79 -9.83 14.61
C SER B 30 4.97 -10.81 15.76
N GLY B 31 4.39 -12.01 15.64
CA GLY B 31 4.49 -13.07 16.64
C GLY B 31 3.28 -14.00 16.66
N CYS B 32 3.29 -14.82 17.67
CA CYS B 32 2.25 -15.83 17.98
C CYS B 32 2.30 -16.17 19.47
N ILE B 33 1.18 -16.30 20.16
CA ILE B 33 1.27 -16.66 21.61
C ILE B 33 0.99 -18.18 21.62
N ARG B 34 1.68 -18.80 22.55
CA ARG B 34 1.73 -20.22 22.87
C ARG B 34 1.00 -20.50 24.19
N THR B 35 -0.16 -21.07 23.97
CA THR B 35 -1.21 -21.49 24.88
C THR B 35 -1.52 -22.96 24.76
N LYS B 36 -0.53 -23.77 25.11
CA LYS B 36 -0.62 -25.23 25.01
C LYS B 36 -1.00 -26.04 26.24
N VAL B 37 -1.99 -25.68 27.04
CA VAL B 37 -2.30 -26.50 28.22
C VAL B 37 -3.42 -27.49 27.92
N ASP B 38 -3.52 -28.49 28.81
CA ASP B 38 -4.59 -29.51 28.65
C ASP B 38 -5.96 -28.84 28.79
N ASP B 39 -6.16 -28.23 29.92
CA ASP B 39 -7.27 -27.49 30.49
C ASP B 39 -8.00 -26.45 29.66
N LEU B 40 -9.27 -26.59 29.32
CA LEU B 40 -10.05 -25.65 28.50
C LEU B 40 -10.17 -24.22 29.05
N PRO B 41 -10.77 -24.11 30.21
CA PRO B 41 -10.93 -22.79 30.87
C PRO B 41 -9.57 -22.09 30.88
N SER B 42 -8.52 -22.88 31.13
CA SER B 42 -7.14 -22.34 31.15
C SER B 42 -6.50 -21.98 29.80
N ARG B 43 -6.64 -22.87 28.84
CA ARG B 43 -6.19 -22.74 27.46
C ARG B 43 -6.88 -21.43 27.03
N LEU B 44 -8.16 -21.35 27.39
CA LEU B 44 -9.02 -20.22 27.05
C LEU B 44 -8.51 -18.99 27.78
N LYS B 45 -8.30 -19.09 29.09
CA LYS B 45 -7.78 -17.88 29.79
C LYS B 45 -6.39 -17.49 29.25
N LEU B 46 -5.51 -18.33 28.76
CA LEU B 46 -4.24 -17.77 28.25
C LEU B 46 -4.54 -16.78 27.11
N ILE B 47 -5.29 -17.30 26.16
CA ILE B 47 -5.74 -16.60 24.98
C ILE B 47 -6.20 -15.18 25.31
N TYR B 48 -7.11 -15.17 26.26
CA TYR B 48 -7.74 -13.96 26.74
C TYR B 48 -6.64 -13.10 27.34
N ALA B 49 -5.84 -13.67 28.22
CA ALA B 49 -4.76 -12.97 28.89
C ALA B 49 -3.68 -12.51 27.93
N GLY B 50 -3.26 -13.48 27.13
CA GLY B 50 -2.23 -13.30 26.10
C GLY B 50 -2.64 -12.18 25.15
N VAL B 51 -3.82 -12.32 24.57
CA VAL B 51 -4.36 -11.29 23.65
C VAL B 51 -4.38 -9.92 24.35
N THR B 52 -4.74 -9.81 25.62
CA THR B 52 -4.80 -8.53 26.32
C THR B 52 -3.42 -7.86 26.43
N GLU B 53 -2.45 -8.66 26.77
CA GLU B 53 -1.07 -8.20 26.94
C GLU B 53 -0.58 -7.57 25.65
N ILE B 54 -0.88 -8.21 24.52
CA ILE B 54 -0.43 -7.64 23.22
C ILE B 54 -1.04 -6.27 22.96
N ILE B 55 -2.27 -6.02 23.42
CA ILE B 55 -2.94 -4.74 23.25
C ILE B 55 -2.24 -3.63 24.07
N THR B 56 -1.76 -4.07 25.23
CA THR B 56 -1.06 -3.19 26.17
C THR B 56 0.28 -2.79 25.57
N GLN B 57 0.89 -3.83 25.04
CA GLN B 57 2.22 -3.73 24.44
C GLN B 57 2.23 -2.74 23.28
N PHE B 58 1.40 -3.00 22.29
CA PHE B 58 1.37 -2.13 21.08
C PHE B 58 0.44 -0.92 21.08
N GLN B 59 -0.49 -0.94 22.00
CA GLN B 59 -1.51 0.11 22.13
C GLN B 59 -2.15 0.43 20.79
N PRO B 60 -2.66 -0.58 20.09
CA PRO B 60 -3.29 -0.46 18.78
C PRO B 60 -4.51 0.42 18.68
N ASP B 61 -4.96 0.78 17.50
CA ASP B 61 -6.16 1.62 17.33
C ASP B 61 -7.34 0.75 16.83
N TYR B 62 -6.98 -0.12 15.90
CA TYR B 62 -8.04 -1.02 15.35
C TYR B 62 -7.54 -2.44 15.53
N PHE B 63 -8.46 -3.35 15.64
CA PHE B 63 -8.22 -4.79 15.81
C PHE B 63 -8.92 -5.34 14.56
N ALA B 64 -8.21 -6.08 13.73
CA ALA B 64 -8.84 -6.63 12.51
C ALA B 64 -8.84 -8.16 12.64
N ILE B 65 -9.74 -8.82 11.92
CA ILE B 65 -9.82 -10.29 12.04
C ILE B 65 -10.44 -10.99 10.84
N GLU B 66 -10.00 -12.20 10.54
CA GLU B 66 -10.60 -12.89 9.38
C GLU B 66 -12.03 -13.32 9.70
N GLN B 67 -12.91 -13.23 8.75
CA GLN B 67 -14.35 -13.64 8.97
C GLN B 67 -14.28 -15.10 8.60
N VAL B 68 -14.98 -16.04 9.17
CA VAL B 68 -14.78 -17.47 8.68
C VAL B 68 -16.04 -17.72 7.86
N PHE B 69 -15.90 -18.64 6.92
CA PHE B 69 -17.00 -18.94 5.99
C PHE B 69 -17.25 -20.38 5.60
N MET B 70 -16.21 -20.89 4.96
CA MET B 70 -16.12 -22.23 4.38
C MET B 70 -15.37 -23.09 5.41
N ALA B 71 -16.23 -23.51 6.30
CA ALA B 71 -16.00 -24.36 7.46
C ALA B 71 -16.56 -25.75 7.10
N LYS B 72 -15.71 -26.73 6.88
CA LYS B 72 -16.16 -28.09 6.51
C LYS B 72 -16.19 -29.09 7.67
N ASN B 73 -15.37 -28.86 8.67
CA ASN B 73 -15.21 -29.63 9.89
C ASN B 73 -16.13 -29.18 11.04
N ALA B 74 -16.56 -30.16 11.81
CA ALA B 74 -17.44 -29.92 12.94
C ALA B 74 -16.76 -29.95 14.28
N ASP B 75 -15.60 -30.53 14.42
CA ASP B 75 -14.89 -30.58 15.74
C ASP B 75 -13.89 -29.40 15.78
N SER B 76 -13.14 -29.28 14.71
CA SER B 76 -12.14 -28.22 14.56
C SER B 76 -12.78 -26.86 14.41
N ALA B 77 -14.04 -26.76 14.07
CA ALA B 77 -14.73 -25.48 13.90
C ALA B 77 -15.06 -24.89 15.28
N LEU B 78 -15.29 -25.82 16.21
CA LEU B 78 -15.65 -25.64 17.61
C LEU B 78 -14.39 -25.21 18.37
N LYS B 79 -13.35 -26.00 18.09
CA LYS B 79 -12.06 -25.66 18.79
C LYS B 79 -11.69 -24.28 18.23
N LEU B 80 -11.59 -24.13 16.92
CA LEU B 80 -11.24 -22.81 16.36
C LEU B 80 -12.19 -21.73 16.87
N GLY B 81 -13.46 -22.00 16.83
CA GLY B 81 -14.60 -21.19 17.24
C GLY B 81 -14.43 -20.63 18.63
N GLN B 82 -14.00 -21.47 19.55
CA GLN B 82 -13.81 -21.06 20.96
C GLN B 82 -12.62 -20.12 21.08
N ALA B 83 -11.67 -20.32 20.17
CA ALA B 83 -10.43 -19.54 20.06
C ALA B 83 -10.73 -18.12 19.60
N ARG B 84 -11.41 -17.84 18.52
CA ARG B 84 -11.58 -16.39 18.16
C ARG B 84 -12.59 -15.67 19.04
N GLY B 85 -13.51 -16.45 19.57
CA GLY B 85 -14.61 -16.01 20.47
C GLY B 85 -13.92 -15.08 21.48
N VAL B 86 -13.04 -15.68 22.23
CA VAL B 86 -12.22 -15.08 23.27
C VAL B 86 -11.25 -13.98 22.81
N ALA B 87 -10.72 -14.14 21.61
CA ALA B 87 -9.75 -13.16 21.06
C ALA B 87 -10.48 -11.85 20.88
N ILE B 88 -11.65 -11.83 20.33
CA ILE B 88 -12.48 -10.65 20.03
C ILE B 88 -13.02 -9.92 21.22
N VAL B 89 -13.43 -10.63 22.25
CA VAL B 89 -14.02 -10.07 23.48
C VAL B 89 -12.91 -9.44 24.32
N ALA B 90 -11.72 -10.02 24.18
CA ALA B 90 -10.53 -9.48 24.88
C ALA B 90 -10.27 -8.06 24.36
N ALA B 91 -10.70 -7.87 23.11
CA ALA B 91 -10.59 -6.57 22.43
C ALA B 91 -11.85 -5.69 22.58
N VAL B 92 -13.08 -6.24 22.69
CA VAL B 92 -14.21 -5.27 22.83
C VAL B 92 -13.91 -4.63 24.20
N ASN B 93 -13.56 -5.54 25.12
CA ASN B 93 -13.24 -5.11 26.51
C ASN B 93 -12.05 -4.11 26.62
N GLN B 94 -11.22 -4.01 25.61
CA GLN B 94 -10.06 -3.12 25.68
C GLN B 94 -10.49 -1.88 24.93
N GLU B 95 -11.80 -1.80 24.83
CA GLU B 95 -12.45 -0.67 24.14
C GLU B 95 -11.82 -0.37 22.77
N LEU B 96 -11.64 -1.47 22.04
CA LEU B 96 -11.04 -1.41 20.69
C LEU B 96 -11.93 -2.01 19.59
N PRO B 97 -12.13 -1.22 18.54
CA PRO B 97 -12.93 -1.57 17.37
C PRO B 97 -12.41 -2.78 16.62
N VAL B 98 -13.26 -3.80 16.53
CA VAL B 98 -12.96 -5.08 15.86
C VAL B 98 -13.49 -5.04 14.44
N PHE B 99 -12.72 -5.50 13.50
CA PHE B 99 -13.12 -5.51 12.10
C PHE B 99 -13.00 -6.90 11.50
N GLU B 100 -14.02 -7.32 10.77
CA GLU B 100 -13.83 -8.68 10.18
C GLU B 100 -13.68 -8.63 8.69
N TYR B 101 -12.66 -9.37 8.27
CA TYR B 101 -12.28 -9.45 6.86
C TYR B 101 -12.33 -10.88 6.29
N ALA B 102 -12.97 -10.90 5.13
CA ALA B 102 -13.15 -12.10 4.30
C ALA B 102 -11.72 -12.61 4.08
N ALA B 103 -11.57 -13.93 3.99
CA ALA B 103 -10.22 -14.50 3.74
C ALA B 103 -9.85 -14.23 2.27
N ARG B 104 -10.87 -14.21 1.41
CA ARG B 104 -10.64 -13.94 0.00
C ARG B 104 -10.23 -12.48 -0.18
N GLN B 105 -10.63 -11.59 0.73
CA GLN B 105 -10.28 -10.17 0.61
C GLN B 105 -8.83 -9.88 1.03
N VAL B 106 -8.19 -10.77 1.72
CA VAL B 106 -6.78 -10.65 2.14
C VAL B 106 -5.95 -11.28 1.00
N LYS B 107 -6.44 -12.46 0.61
CA LYS B 107 -5.75 -13.14 -0.50
C LYS B 107 -5.73 -12.05 -1.59
N GLN B 108 -6.89 -11.58 -1.94
CA GLN B 108 -7.12 -10.56 -2.98
C GLN B 108 -6.25 -9.31 -2.80
N THR B 109 -6.16 -8.80 -1.55
CA THR B 109 -5.37 -7.59 -1.28
C THR B 109 -3.88 -7.83 -1.07
N VAL B 110 -3.41 -8.96 -0.60
CA VAL B 110 -1.95 -9.16 -0.45
C VAL B 110 -1.39 -9.85 -1.65
N VAL B 111 -1.71 -11.05 -2.02
CA VAL B 111 -1.13 -11.75 -3.19
C VAL B 111 -1.71 -11.33 -4.54
N GLY B 112 -2.76 -10.54 -4.55
CA GLY B 112 -3.41 -10.04 -5.77
C GLY B 112 -4.42 -11.06 -6.32
N ILE B 113 -4.43 -12.26 -5.75
CA ILE B 113 -5.37 -13.32 -6.17
C ILE B 113 -6.02 -13.92 -4.92
N GLY B 114 -7.28 -14.18 -5.01
CA GLY B 114 -8.10 -14.75 -3.95
C GLY B 114 -7.75 -16.21 -3.73
N SER B 115 -7.39 -16.85 -4.83
CA SER B 115 -7.07 -18.30 -4.79
C SER B 115 -5.89 -18.64 -3.88
N ALA B 116 -4.80 -17.92 -3.93
CA ALA B 116 -3.57 -18.01 -3.19
C ALA B 116 -3.31 -19.03 -2.09
N GLU B 117 -2.08 -19.51 -2.08
CA GLU B 117 -1.46 -20.45 -1.16
C GLU B 117 -0.40 -19.64 -0.40
N LYS B 118 -0.40 -19.81 0.89
CA LYS B 118 0.44 -19.28 1.94
C LYS B 118 1.90 -18.92 1.68
N SER B 119 2.54 -19.42 0.63
CA SER B 119 3.93 -19.15 0.32
C SER B 119 3.97 -18.04 -0.75
N GLN B 120 2.88 -17.30 -0.77
CA GLN B 120 2.58 -16.16 -1.62
C GLN B 120 2.17 -14.98 -0.73
N VAL B 121 1.49 -15.41 0.33
CA VAL B 121 0.97 -14.53 1.40
C VAL B 121 2.26 -13.95 2.00
N GLN B 122 3.07 -14.82 2.55
CA GLN B 122 4.34 -14.69 3.20
C GLN B 122 5.31 -13.68 2.62
N HIS B 123 5.88 -14.03 1.48
CA HIS B 123 6.84 -13.33 0.66
C HIS B 123 6.30 -12.00 0.14
N MET B 124 5.00 -11.89 0.10
CA MET B 124 4.30 -10.68 -0.37
C MET B 124 4.06 -9.80 0.87
N VAL B 125 4.00 -10.37 2.06
CA VAL B 125 3.83 -9.58 3.29
C VAL B 125 5.22 -8.95 3.46
N ARG B 126 6.21 -9.73 3.14
CA ARG B 126 7.62 -9.29 3.23
C ARG B 126 7.94 -8.22 2.18
N THR B 127 7.53 -8.44 0.96
CA THR B 127 7.74 -7.53 -0.15
C THR B 127 6.98 -6.24 0.10
N LEU B 128 5.96 -6.41 0.94
CA LEU B 128 5.08 -5.27 1.24
C LEU B 128 5.59 -4.53 2.46
N LEU B 129 6.54 -4.98 3.24
CA LEU B 129 6.93 -4.12 4.39
C LEU B 129 8.46 -4.00 4.39
N LYS B 130 9.02 -4.13 3.20
CA LYS B 130 10.49 -4.06 3.03
C LYS B 130 11.11 -4.76 4.21
N LEU B 131 10.88 -6.06 4.31
CA LEU B 131 11.25 -6.89 5.44
C LEU B 131 11.93 -8.23 5.38
N PRO B 132 13.25 -8.24 5.53
CA PRO B 132 14.01 -9.50 5.58
C PRO B 132 13.74 -9.94 7.02
N ALA B 133 12.51 -10.41 7.30
CA ALA B 133 12.14 -10.82 8.68
C ALA B 133 12.20 -12.34 8.89
N ASN B 134 13.27 -12.63 9.61
CA ASN B 134 13.74 -13.95 10.01
C ASN B 134 12.62 -14.95 10.31
N PRO B 135 12.60 -15.89 9.38
CA PRO B 135 11.61 -16.97 9.48
C PRO B 135 11.84 -17.62 10.84
N GLN B 136 10.70 -17.93 11.41
CA GLN B 136 10.32 -18.56 12.67
C GLN B 136 8.80 -18.84 12.48
N ALA B 137 8.04 -19.07 13.53
CA ALA B 137 6.59 -19.37 13.36
C ALA B 137 5.85 -18.40 12.42
N ASP B 138 5.07 -18.94 11.48
CA ASP B 138 4.37 -18.06 10.51
C ASP B 138 3.13 -17.34 11.09
N ALA B 139 3.44 -16.08 11.31
CA ALA B 139 2.79 -14.90 11.82
C ALA B 139 2.48 -13.96 10.64
N ALA B 140 2.49 -14.59 9.47
CA ALA B 140 2.24 -13.85 8.24
C ALA B 140 0.76 -13.58 8.07
N ASP B 141 -0.03 -14.59 8.42
CA ASP B 141 -1.52 -14.47 8.29
C ASP B 141 -1.95 -13.20 9.04
N ALA B 142 -1.69 -13.11 10.33
CA ALA B 142 -1.93 -11.92 11.13
C ALA B 142 -1.50 -10.63 10.44
N LEU B 143 -0.30 -10.54 9.89
CA LEU B 143 0.22 -9.34 9.22
C LEU B 143 -0.51 -8.83 7.95
N ALA B 144 -1.12 -9.71 7.21
CA ALA B 144 -1.88 -9.58 5.99
C ALA B 144 -3.33 -9.16 6.25
N ILE B 145 -3.85 -9.38 7.43
CA ILE B 145 -5.26 -9.00 7.71
C ILE B 145 -5.11 -7.54 8.06
N ALA B 146 -4.07 -7.24 8.84
CA ALA B 146 -3.80 -5.81 9.22
C ALA B 146 -3.66 -4.95 7.95
N ILE B 147 -2.82 -5.46 7.08
CA ILE B 147 -2.53 -4.85 5.77
C ILE B 147 -3.96 -4.66 5.24
N THR B 148 -4.67 -5.78 5.10
CA THR B 148 -6.06 -5.79 4.58
C THR B 148 -6.97 -4.76 5.23
N HIS B 149 -7.04 -4.68 6.53
CA HIS B 149 -7.85 -3.69 7.23
C HIS B 149 -7.65 -2.33 6.54
N CYS B 150 -6.41 -1.90 6.48
CA CYS B 150 -5.94 -0.64 5.90
C CYS B 150 -6.23 -0.45 4.42
N HIS B 151 -6.39 -1.52 3.67
CA HIS B 151 -6.60 -1.34 2.22
C HIS B 151 -8.07 -1.04 2.05
N VAL B 152 -8.88 -1.86 2.70
CA VAL B 152 -10.34 -1.81 2.65
C VAL B 152 -10.90 -0.54 3.30
N SER B 153 -10.12 0.20 4.07
CA SER B 153 -10.65 1.41 4.73
C SER B 153 -10.25 2.73 4.11
N GLN B 154 -9.23 2.73 3.26
CA GLN B 154 -8.79 3.97 2.58
C GLN B 154 -9.40 3.80 1.18
N ASN B 155 -9.86 2.58 0.88
CA ASN B 155 -10.58 2.37 -0.42
C ASN B 155 -11.89 2.96 0.23
N ALA B 156 -12.12 4.25 0.07
CA ALA B 156 -13.24 4.85 0.81
C ALA B 156 -14.39 5.65 0.27
N MET B 157 -14.91 6.43 1.21
CA MET B 157 -16.03 7.34 1.31
C MET B 157 -16.09 8.70 0.67
N GLN B 158 -17.32 9.19 0.52
CA GLN B 158 -17.56 10.52 -0.07
C GLN B 158 -18.01 11.48 1.05
N ALA C 1 38.41 29.45 -19.32
CA ALA C 1 39.64 29.46 -20.14
C ALA C 1 39.55 28.32 -21.18
N ILE C 2 38.80 27.29 -20.83
CA ILE C 2 38.59 26.18 -21.79
C ILE C 2 37.06 26.22 -21.98
N ILE C 3 36.62 26.36 -23.20
CA ILE C 3 35.19 26.44 -23.45
C ILE C 3 34.65 25.29 -24.32
N LEU C 4 33.56 24.67 -23.88
CA LEU C 4 32.80 23.65 -24.60
C LEU C 4 31.72 24.57 -25.22
N GLY C 5 31.37 24.34 -26.44
CA GLY C 5 30.38 25.02 -27.28
C GLY C 5 29.55 23.83 -27.83
N ILE C 6 28.25 23.88 -27.60
CA ILE C 6 27.40 22.78 -28.07
C ILE C 6 26.23 23.33 -28.84
N ASP C 7 26.02 22.87 -30.04
CA ASP C 7 25.00 23.13 -31.05
C ASP C 7 24.21 21.83 -31.14
N PRO C 8 23.23 21.67 -30.27
CA PRO C 8 22.43 20.45 -30.12
C PRO C 8 21.21 20.32 -31.00
N GLY C 9 20.76 19.12 -31.26
CA GLY C 9 19.56 18.94 -32.11
C GLY C 9 18.95 17.55 -31.95
N SER C 10 17.98 17.34 -32.83
CA SER C 10 17.22 16.08 -32.85
C SER C 10 18.24 14.96 -33.10
N ARG C 11 18.62 14.91 -34.35
CA ARG C 11 19.53 14.03 -35.07
C ARG C 11 20.93 13.95 -34.55
N VAL C 12 21.64 15.10 -34.46
CA VAL C 12 23.01 15.12 -33.93
C VAL C 12 23.34 16.46 -33.25
N THR C 13 24.12 16.32 -32.18
CA THR C 13 24.62 17.45 -31.38
C THR C 13 26.11 17.55 -31.72
N GLY C 14 26.57 18.72 -32.14
CA GLY C 14 28.01 18.90 -32.50
C GLY C 14 28.71 19.52 -31.32
N TYR C 15 30.02 19.50 -31.26
CA TYR C 15 30.73 20.07 -30.11
C TYR C 15 32.04 20.74 -30.49
N GLY C 16 32.36 21.82 -29.84
CA GLY C 16 33.60 22.60 -30.08
C GLY C 16 34.26 22.99 -28.76
N VAL C 17 35.44 22.41 -28.57
CA VAL C 17 36.24 22.64 -27.37
C VAL C 17 37.48 23.46 -27.78
N ILE C 18 37.68 24.55 -27.06
CA ILE C 18 38.81 25.47 -27.27
C ILE C 18 39.27 26.22 -26.03
N ARG C 19 40.53 26.59 -25.99
CA ARG C 19 41.09 27.38 -24.87
C ARG C 19 41.35 28.83 -25.36
N GLN C 20 41.48 29.62 -24.30
CA GLN C 20 41.77 31.05 -24.43
C GLN C 20 42.70 31.44 -23.28
N VAL C 21 43.88 31.82 -23.67
CA VAL C 21 44.95 32.34 -22.81
C VAL C 21 44.72 33.87 -23.09
N GLY C 22 43.92 34.44 -22.20
CA GLY C 22 43.57 35.85 -22.32
C GLY C 22 43.13 36.31 -23.71
N ARG C 23 44.00 36.30 -24.69
CA ARG C 23 43.59 36.74 -26.04
C ARG C 23 44.08 35.73 -27.09
N GLN C 24 44.90 34.79 -26.64
CA GLN C 24 45.45 33.75 -27.56
C GLN C 24 44.46 32.57 -27.69
N LEU C 25 43.60 32.65 -28.68
CA LEU C 25 42.55 31.61 -28.94
C LEU C 25 43.22 30.29 -29.27
N SER C 26 42.67 29.10 -28.94
CA SER C 26 43.37 27.84 -29.26
C SER C 26 42.57 26.54 -29.34
N TYR C 27 42.52 25.91 -30.51
CA TYR C 27 41.81 24.66 -30.75
C TYR C 27 42.45 23.38 -30.18
N LEU C 28 41.56 22.84 -29.36
CA LEU C 28 41.64 21.63 -28.58
C LEU C 28 40.90 20.49 -29.27
N GLY C 29 39.67 20.72 -29.71
CA GLY C 29 38.96 19.61 -30.40
C GLY C 29 37.49 19.93 -30.60
N SER C 30 36.94 19.33 -31.64
CA SER C 30 35.54 19.50 -32.07
C SER C 30 34.96 18.20 -32.60
N GLY C 31 33.64 18.16 -32.79
CA GLY C 31 32.99 16.93 -33.27
C GLY C 31 31.48 16.96 -33.18
N CYS C 32 30.85 15.93 -33.68
CA CYS C 32 29.39 15.82 -33.74
C CYS C 32 28.89 14.50 -33.18
N ILE C 33 28.11 14.52 -32.14
CA ILE C 33 27.48 13.37 -31.48
C ILE C 33 26.39 12.89 -32.44
N ARG C 34 26.31 11.62 -32.78
CA ARG C 34 25.27 11.15 -33.72
C ARG C 34 24.28 10.20 -33.03
N THR C 35 23.19 10.81 -32.64
CA THR C 35 22.05 10.23 -31.94
C THR C 35 20.84 10.11 -32.85
N LYS C 36 21.04 9.34 -33.91
CA LYS C 36 20.05 9.07 -34.94
C LYS C 36 18.94 8.12 -34.55
N VAL C 37 19.21 7.12 -33.76
CA VAL C 37 18.23 6.10 -33.33
C VAL C 37 16.81 6.65 -33.08
N ASP C 38 15.92 5.75 -33.46
CA ASP C 38 14.47 5.88 -33.47
C ASP C 38 13.87 6.19 -32.09
N ASP C 39 14.26 5.43 -31.11
CA ASP C 39 13.84 5.57 -29.71
C ASP C 39 14.16 6.89 -29.06
N LEU C 40 13.35 7.51 -28.22
CA LEU C 40 13.81 8.79 -27.64
C LEU C 40 14.70 8.53 -26.41
N PRO C 41 14.19 7.83 -25.41
CA PRO C 41 14.95 7.55 -24.18
C PRO C 41 16.40 7.42 -24.50
N SER C 42 16.71 6.42 -25.27
CA SER C 42 18.08 6.14 -25.71
C SER C 42 18.79 7.25 -26.48
N ARG C 43 18.04 8.00 -27.26
CA ARG C 43 18.70 9.09 -28.09
C ARG C 43 19.01 10.18 -27.06
N LEU C 44 18.15 10.40 -26.06
CA LEU C 44 18.40 11.37 -24.98
C LEU C 44 19.58 10.89 -24.10
N LYS C 45 19.63 9.56 -24.01
CA LYS C 45 20.69 8.89 -23.25
C LYS C 45 22.06 9.24 -23.86
N LEU C 46 22.13 9.07 -25.17
CA LEU C 46 23.36 9.31 -25.94
C LEU C 46 23.72 10.77 -25.84
N ILE C 47 22.81 11.71 -25.96
CA ILE C 47 23.26 13.11 -25.83
C ILE C 47 24.08 13.29 -24.55
N TYR C 48 23.54 12.84 -23.44
CA TYR C 48 24.11 12.93 -22.10
C TYR C 48 25.40 12.19 -21.89
N ALA C 49 25.48 10.96 -22.34
CA ALA C 49 26.64 10.07 -22.20
C ALA C 49 27.84 10.71 -22.91
N GLY C 50 27.53 11.28 -24.07
CA GLY C 50 28.49 11.97 -24.93
C GLY C 50 29.01 13.30 -24.35
N VAL C 51 28.08 14.19 -24.05
CA VAL C 51 28.37 15.51 -23.48
C VAL C 51 29.22 15.37 -22.22
N THR C 52 28.68 14.64 -21.25
CA THR C 52 29.42 14.44 -19.99
C THR C 52 30.74 13.68 -20.28
N GLU C 53 30.84 13.10 -21.46
CA GLU C 53 32.02 12.38 -21.91
C GLU C 53 33.00 13.51 -22.25
N ILE C 54 32.61 14.34 -23.20
CA ILE C 54 33.46 15.45 -23.59
C ILE C 54 33.98 16.15 -22.34
N ILE C 55 33.14 16.41 -21.39
CA ILE C 55 33.48 17.14 -20.16
C ILE C 55 34.63 16.57 -19.34
N THR C 56 34.48 15.28 -19.16
CA THR C 56 35.26 14.27 -18.51
C THR C 56 36.56 14.01 -19.25
N GLN C 57 36.64 14.47 -20.46
CA GLN C 57 37.78 14.34 -21.37
C GLN C 57 38.45 15.70 -21.60
N PHE C 58 37.67 16.78 -21.77
CA PHE C 58 38.32 18.07 -22.05
C PHE C 58 38.47 18.91 -20.79
N GLN C 59 37.68 18.59 -19.77
CA GLN C 59 37.81 19.37 -18.51
C GLN C 59 37.69 20.87 -18.84
N PRO C 60 36.51 21.32 -19.20
CA PRO C 60 36.19 22.68 -19.57
C PRO C 60 35.76 23.60 -18.47
N ASP C 61 36.15 24.85 -18.57
CA ASP C 61 35.70 25.78 -17.52
C ASP C 61 34.26 26.17 -17.86
N TYR C 62 33.85 26.67 -18.99
CA TYR C 62 32.46 27.08 -19.28
C TYR C 62 31.62 26.33 -20.30
N PHE C 63 30.31 26.52 -20.13
CA PHE C 63 29.36 25.86 -21.06
C PHE C 63 28.64 26.88 -21.96
N ALA C 64 28.92 26.73 -23.24
CA ALA C 64 28.27 27.67 -24.18
C ALA C 64 27.21 26.89 -24.95
N ILE C 65 26.10 27.57 -25.03
CA ILE C 65 24.94 27.10 -25.76
C ILE C 65 24.27 28.40 -26.29
N GLU C 66 23.85 28.30 -27.53
CA GLU C 66 23.17 29.42 -28.18
C GLU C 66 21.68 29.25 -27.89
N GLN C 67 20.91 30.27 -28.17
CA GLN C 67 19.48 30.37 -27.95
C GLN C 67 18.70 30.50 -29.25
N VAL C 68 17.41 30.55 -29.02
CA VAL C 68 16.38 30.62 -30.07
C VAL C 68 15.42 31.83 -30.02
N PHE C 69 15.63 32.65 -31.06
CA PHE C 69 14.84 33.87 -31.31
C PHE C 69 13.83 33.49 -32.42
N MET C 70 14.31 32.81 -33.45
CA MET C 70 13.45 32.38 -34.57
C MET C 70 13.46 30.84 -34.55
N ALA C 71 12.43 30.31 -33.91
CA ALA C 71 12.25 28.83 -33.77
C ALA C 71 10.86 28.38 -34.20
N LYS C 72 10.48 28.77 -35.37
CA LYS C 72 9.25 28.63 -36.13
C LYS C 72 8.48 27.34 -36.28
N ASN C 73 8.95 26.12 -36.46
CA ASN C 73 7.99 24.98 -36.61
C ASN C 73 7.78 24.27 -35.27
N ALA C 74 6.55 24.37 -34.80
CA ALA C 74 6.07 23.83 -33.53
C ALA C 74 6.64 22.48 -33.12
N ASP C 75 6.42 21.43 -33.86
CA ASP C 75 6.86 20.06 -33.52
C ASP C 75 8.31 19.70 -33.77
N SER C 76 8.99 20.64 -34.39
CA SER C 76 10.43 20.55 -34.71
C SER C 76 11.16 21.10 -33.47
N ALA C 77 10.50 22.02 -32.82
CA ALA C 77 10.91 22.74 -31.62
C ALA C 77 10.76 21.94 -30.35
N LEU C 78 9.81 21.03 -30.24
CA LEU C 78 9.62 20.17 -29.07
C LEU C 78 10.88 19.31 -28.89
N LYS C 79 11.30 18.78 -30.01
CA LYS C 79 12.48 17.95 -30.23
C LYS C 79 13.80 18.68 -30.04
N LEU C 80 13.79 20.00 -30.24
CA LEU C 80 15.02 20.79 -30.06
C LEU C 80 15.13 20.95 -28.53
N GLY C 81 13.97 21.22 -27.97
CA GLY C 81 13.73 21.37 -26.53
C GLY C 81 14.30 20.18 -25.75
N GLN C 82 13.87 18.97 -26.04
CA GLN C 82 14.42 17.79 -25.36
C GLN C 82 15.91 17.62 -25.57
N ALA C 83 16.41 17.86 -26.76
CA ALA C 83 17.84 17.75 -27.12
C ALA C 83 18.57 18.83 -26.31
N ARG C 84 18.04 20.02 -26.36
CA ARG C 84 18.55 21.18 -25.63
C ARG C 84 18.78 20.90 -24.15
N GLY C 85 17.70 20.66 -23.43
CA GLY C 85 17.51 20.34 -22.03
C GLY C 85 18.48 19.25 -21.57
N VAL C 86 18.56 18.13 -22.27
CA VAL C 86 19.48 17.06 -21.86
C VAL C 86 20.95 17.53 -21.84
N ALA C 87 21.33 18.31 -22.85
CA ALA C 87 22.69 18.84 -23.02
C ALA C 87 23.01 19.79 -21.87
N ILE C 88 22.06 20.65 -21.56
CA ILE C 88 22.18 21.63 -20.50
C ILE C 88 22.48 21.00 -19.16
N VAL C 89 21.61 20.06 -18.77
CA VAL C 89 21.62 19.29 -17.55
C VAL C 89 22.88 18.42 -17.39
N ALA C 90 23.37 17.86 -18.49
CA ALA C 90 24.55 17.01 -18.39
C ALA C 90 25.67 17.93 -17.97
N ALA C 91 25.61 19.14 -18.44
CA ALA C 91 26.62 20.18 -18.18
C ALA C 91 26.52 20.59 -16.73
N VAL C 92 25.34 20.96 -16.30
CA VAL C 92 25.03 21.35 -14.94
C VAL C 92 25.44 20.28 -13.93
N ASN C 93 25.08 19.03 -14.16
CA ASN C 93 25.41 17.89 -13.28
C ASN C 93 26.91 17.66 -13.26
N GLN C 94 27.66 18.38 -14.06
CA GLN C 94 29.13 18.32 -14.19
C GLN C 94 29.73 19.59 -13.53
N GLU C 95 28.80 20.33 -12.95
CA GLU C 95 29.14 21.55 -12.20
C GLU C 95 29.51 22.74 -13.05
N LEU C 96 29.60 22.63 -14.34
CA LEU C 96 29.93 23.69 -15.28
C LEU C 96 28.76 24.64 -15.44
N PRO C 97 29.05 25.93 -15.51
CA PRO C 97 28.12 27.02 -15.69
C PRO C 97 27.68 27.16 -17.14
N VAL C 98 26.40 27.33 -17.36
CA VAL C 98 25.79 27.51 -18.66
C VAL C 98 25.42 28.98 -18.98
N PHE C 99 25.98 29.36 -20.10
CA PHE C 99 25.97 30.61 -20.84
C PHE C 99 25.15 30.52 -22.14
N GLU C 100 24.03 31.23 -22.20
CA GLU C 100 23.17 31.23 -23.40
C GLU C 100 23.36 32.52 -24.20
N TYR C 101 23.73 32.35 -25.47
CA TYR C 101 23.99 33.42 -26.43
C TYR C 101 23.03 33.33 -27.60
N ALA C 102 22.60 34.50 -28.04
CA ALA C 102 21.67 34.69 -29.16
C ALA C 102 22.47 34.58 -30.43
N ALA C 103 21.99 33.82 -31.39
CA ALA C 103 22.71 33.62 -32.68
C ALA C 103 22.98 34.97 -33.33
N ARG C 104 22.19 35.91 -32.85
CA ARG C 104 22.30 37.31 -33.29
C ARG C 104 23.67 37.77 -32.84
N GLN C 105 23.99 37.50 -31.58
CA GLN C 105 25.24 37.85 -30.90
C GLN C 105 26.42 37.01 -31.37
N VAL C 106 26.23 35.85 -31.94
CA VAL C 106 27.33 34.95 -32.39
C VAL C 106 27.91 35.37 -33.74
N LYS C 107 27.09 35.98 -34.54
CA LYS C 107 27.51 36.48 -35.88
C LYS C 107 28.23 37.79 -35.64
N GLN C 108 27.57 38.78 -35.06
CA GLN C 108 28.20 40.05 -34.73
C GLN C 108 29.60 39.74 -34.20
N THR C 109 29.64 38.91 -33.20
CA THR C 109 30.92 38.54 -32.59
C THR C 109 31.91 37.96 -33.60
N VAL C 110 31.73 36.81 -34.16
CA VAL C 110 32.77 36.25 -35.05
C VAL C 110 33.16 37.08 -36.28
N VAL C 111 32.24 37.21 -37.20
CA VAL C 111 32.38 37.90 -38.47
C VAL C 111 32.12 39.40 -38.44
N GLY C 112 31.67 39.95 -37.32
CA GLY C 112 31.44 41.41 -37.38
C GLY C 112 30.15 41.81 -38.07
N ILE C 113 29.20 40.92 -38.33
CA ILE C 113 27.91 41.34 -38.94
C ILE C 113 26.91 40.23 -38.58
N GLY C 114 25.82 40.71 -38.04
CA GLY C 114 24.69 39.93 -37.55
C GLY C 114 23.65 39.61 -38.61
N SER C 115 24.03 39.70 -39.86
CA SER C 115 23.15 39.39 -41.00
C SER C 115 23.93 38.44 -41.94
N ALA C 116 25.09 38.02 -41.46
CA ALA C 116 26.02 37.12 -42.08
C ALA C 116 25.54 35.67 -42.24
N GLU C 117 25.71 35.16 -43.46
CA GLU C 117 25.28 33.80 -43.84
C GLU C 117 26.10 32.79 -43.06
N LYS C 118 25.51 31.65 -42.73
CA LYS C 118 26.26 30.65 -41.93
C LYS C 118 27.64 30.31 -42.42
N SER C 119 27.90 30.18 -43.69
CA SER C 119 29.24 29.85 -44.24
C SER C 119 30.20 31.03 -44.04
N GLN C 120 29.67 32.23 -43.93
CA GLN C 120 30.57 33.37 -43.69
C GLN C 120 31.04 33.18 -42.23
N VAL C 121 30.13 32.71 -41.38
CA VAL C 121 30.52 32.47 -39.96
C VAL C 121 31.45 31.24 -39.88
N GLN C 122 31.10 30.19 -40.57
CA GLN C 122 31.99 28.99 -40.58
C GLN C 122 33.36 29.36 -41.13
N HIS C 123 33.40 30.14 -42.18
CA HIS C 123 34.66 30.55 -42.81
C HIS C 123 35.58 31.26 -41.82
N MET C 124 34.98 32.10 -41.00
CA MET C 124 35.77 32.87 -40.01
C MET C 124 36.21 31.98 -38.86
N VAL C 125 35.40 31.04 -38.47
CA VAL C 125 35.71 30.11 -37.39
C VAL C 125 37.03 29.35 -37.59
N ARG C 126 37.15 28.93 -38.84
CA ARG C 126 38.27 28.15 -39.36
C ARG C 126 39.48 28.95 -39.79
N THR C 127 39.27 30.23 -40.07
CA THR C 127 40.41 31.10 -40.41
C THR C 127 41.17 31.23 -39.08
N LEU C 128 40.36 31.77 -38.17
CA LEU C 128 40.76 32.02 -36.79
C LEU C 128 41.34 30.82 -36.05
N LEU C 129 40.76 29.66 -36.31
CA LEU C 129 41.25 28.47 -35.62
C LEU C 129 42.37 27.89 -36.49
N LYS C 130 42.49 28.54 -37.66
CA LYS C 130 43.53 28.09 -38.59
C LYS C 130 43.25 26.61 -38.86
N LEU C 131 41.96 26.28 -38.90
CA LEU C 131 41.51 24.90 -39.16
C LEU C 131 41.73 24.50 -40.60
N PRO C 132 42.61 23.52 -40.75
CA PRO C 132 42.95 22.95 -42.09
C PRO C 132 41.72 22.09 -42.30
N ALA C 133 40.64 22.86 -42.48
CA ALA C 133 39.32 22.32 -42.63
C ALA C 133 38.72 22.53 -44.02
N ASN C 134 38.50 21.33 -44.46
CA ASN C 134 38.05 20.35 -45.36
C ASN C 134 36.92 19.86 -44.40
N PRO C 135 35.95 20.75 -44.30
CA PRO C 135 34.75 20.63 -43.48
C PRO C 135 34.02 19.31 -43.41
N GLN C 136 32.98 19.25 -42.58
CA GLN C 136 32.15 18.05 -42.41
C GLN C 136 30.69 18.43 -42.21
N ALA C 137 30.13 17.83 -41.16
CA ALA C 137 28.79 17.93 -40.61
C ALA C 137 28.62 19.21 -39.78
N ASP C 138 29.47 20.13 -40.13
CA ASP C 138 29.74 21.50 -39.77
C ASP C 138 29.90 21.90 -38.30
N ALA C 139 30.80 21.17 -37.64
CA ALA C 139 31.17 21.39 -36.23
C ALA C 139 31.50 22.84 -35.89
N ALA C 140 31.94 23.62 -36.86
CA ALA C 140 32.31 25.02 -36.78
C ALA C 140 31.21 25.86 -36.14
N ASP C 141 30.00 25.38 -36.23
CA ASP C 141 28.83 26.12 -35.70
C ASP C 141 28.82 26.14 -34.15
N ALA C 142 29.42 25.08 -33.64
CA ALA C 142 29.56 24.85 -32.21
C ALA C 142 30.85 25.54 -31.78
N LEU C 143 31.80 25.62 -32.64
CA LEU C 143 33.10 26.22 -32.51
C LEU C 143 32.98 27.73 -32.39
N ALA C 144 31.99 28.21 -33.13
CA ALA C 144 31.62 29.62 -33.25
C ALA C 144 30.88 30.10 -32.00
N ILE C 145 30.06 29.20 -31.44
CA ILE C 145 29.32 29.65 -30.20
C ILE C 145 30.39 29.63 -29.12
N ALA C 146 31.49 28.92 -29.33
CA ALA C 146 32.62 28.86 -28.38
C ALA C 146 33.46 30.14 -28.31
N ILE C 147 33.78 30.69 -29.48
CA ILE C 147 34.57 31.90 -29.67
C ILE C 147 33.84 33.02 -28.95
N THR C 148 32.57 33.14 -29.28
CA THR C 148 31.62 34.11 -28.74
C THR C 148 31.74 34.33 -27.23
N HIS C 149 31.48 33.26 -26.51
CA HIS C 149 31.59 33.28 -25.05
C HIS C 149 32.86 34.06 -24.71
N CYS C 150 34.05 33.76 -25.19
CA CYS C 150 35.26 34.50 -24.85
C CYS C 150 35.11 36.03 -24.97
N HIS C 151 34.68 36.43 -26.13
CA HIS C 151 34.52 37.84 -26.53
C HIS C 151 33.65 38.57 -25.53
N VAL C 152 32.55 37.94 -25.25
CA VAL C 152 31.58 38.48 -24.27
C VAL C 152 32.29 38.34 -22.92
N SER C 153 32.56 37.15 -22.42
CA SER C 153 33.24 37.01 -21.12
C SER C 153 34.37 38.01 -20.91
N GLN C 154 35.19 38.30 -21.91
CA GLN C 154 36.27 39.30 -21.73
C GLN C 154 35.82 40.65 -22.32
N ASN C 155 34.57 41.03 -22.05
CA ASN C 155 33.94 42.26 -22.53
C ASN C 155 32.86 42.93 -21.67
N ALA C 156 32.24 42.20 -20.79
CA ALA C 156 31.13 42.61 -19.93
C ALA C 156 31.12 43.86 -19.06
N MET C 157 31.68 43.78 -17.87
CA MET C 157 31.74 44.80 -16.82
C MET C 157 32.70 45.98 -16.94
N GLN C 158 33.92 45.73 -17.34
CA GLN C 158 34.94 46.79 -17.47
C GLN C 158 35.31 47.21 -16.04
N ALA D 1 -23.07 -25.13 47.48
CA ALA D 1 -24.45 -24.66 47.49
C ALA D 1 -24.79 -24.04 46.13
N ILE D 2 -24.82 -22.72 46.06
CA ILE D 2 -25.21 -22.11 44.75
C ILE D 2 -24.37 -22.56 43.56
N ILE D 3 -25.05 -23.02 42.52
CA ILE D 3 -24.46 -23.47 41.28
C ILE D 3 -25.16 -22.80 40.10
N LEU D 4 -24.36 -22.30 39.18
CA LEU D 4 -24.85 -21.62 37.94
C LEU D 4 -24.82 -22.55 36.73
N GLY D 5 -25.94 -22.67 36.02
CA GLY D 5 -26.05 -23.56 34.84
C GLY D 5 -26.17 -22.73 33.58
N ILE D 6 -25.20 -22.87 32.68
CA ILE D 6 -25.26 -22.05 31.46
C ILE D 6 -25.55 -22.95 30.28
N ASP D 7 -26.45 -22.50 29.44
CA ASP D 7 -26.82 -23.22 28.20
C ASP D 7 -26.62 -22.19 27.08
N PRO D 8 -25.43 -22.19 26.48
CA PRO D 8 -25.04 -21.27 25.43
C PRO D 8 -25.60 -21.45 24.03
N GLY D 9 -25.49 -20.31 23.33
CA GLY D 9 -25.96 -20.26 21.94
C GLY D 9 -25.73 -18.91 21.29
N SER D 10 -25.43 -19.02 19.99
CA SER D 10 -25.18 -17.82 19.16
C SER D 10 -26.31 -16.79 19.31
N ARG D 11 -27.59 -17.07 19.33
CA ARG D 11 -28.61 -16.02 19.48
C ARG D 11 -29.37 -15.95 20.79
N VAL D 12 -29.22 -16.90 21.67
CA VAL D 12 -29.85 -17.11 22.95
C VAL D 12 -28.98 -18.05 23.80
N THR D 13 -28.72 -17.60 25.01
CA THR D 13 -27.94 -18.41 25.94
C THR D 13 -28.76 -18.35 27.23
N GLY D 14 -29.16 -19.48 27.76
CA GLY D 14 -29.96 -19.56 28.99
C GLY D 14 -29.06 -19.85 30.19
N TYR D 15 -29.59 -19.38 31.33
CA TYR D 15 -28.89 -19.58 32.61
C TYR D 15 -29.82 -20.14 33.70
N GLY D 16 -29.21 -20.90 34.60
CA GLY D 16 -29.96 -21.51 35.72
C GLY D 16 -29.20 -21.62 37.03
N VAL D 17 -29.76 -20.91 38.00
CA VAL D 17 -29.36 -20.73 39.38
C VAL D 17 -30.34 -21.39 40.35
N ILE D 18 -29.75 -22.34 41.06
CA ILE D 18 -30.26 -23.17 42.11
C ILE D 18 -29.24 -23.30 43.25
N ARG D 19 -29.63 -23.86 44.38
CA ARG D 19 -28.69 -24.03 45.50
C ARG D 19 -28.96 -25.35 46.21
N GLN D 20 -27.94 -26.00 46.73
CA GLN D 20 -28.14 -27.30 47.44
C GLN D 20 -27.54 -27.29 48.84
N VAL D 21 -28.35 -26.96 49.83
CA VAL D 21 -27.87 -26.94 51.23
C VAL D 21 -28.43 -28.30 51.69
N GLY D 22 -27.46 -29.20 51.76
CA GLY D 22 -27.78 -30.60 52.14
C GLY D 22 -27.90 -31.32 50.79
N ARG D 23 -28.90 -32.16 50.70
CA ARG D 23 -29.17 -32.91 49.47
C ARG D 23 -30.58 -32.50 49.01
N GLN D 24 -30.95 -31.37 49.62
CA GLN D 24 -32.27 -30.73 49.37
C GLN D 24 -31.98 -29.47 48.56
N LEU D 25 -32.38 -29.54 47.29
CA LEU D 25 -32.20 -28.51 46.26
C LEU D 25 -33.32 -27.48 46.19
N SER D 26 -33.02 -26.26 45.76
CA SER D 26 -33.97 -25.16 45.65
C SER D 26 -33.60 -24.17 44.54
N TYR D 27 -34.65 -23.60 43.99
CA TYR D 27 -34.61 -22.64 42.88
C TYR D 27 -34.52 -21.16 43.27
N LEU D 28 -33.53 -20.56 42.62
CA LEU D 28 -33.13 -19.18 42.75
C LEU D 28 -33.53 -18.33 41.56
N GLY D 29 -33.33 -18.86 40.35
CA GLY D 29 -33.70 -18.04 39.17
C GLY D 29 -33.08 -18.58 37.92
N SER D 30 -33.88 -18.58 36.89
CA SER D 30 -33.70 -19.01 35.52
C SER D 30 -33.72 -17.81 34.58
N GLY D 31 -33.33 -17.97 33.34
CA GLY D 31 -33.34 -16.86 32.38
C GLY D 31 -32.67 -17.12 31.04
N CYS D 32 -33.14 -16.32 30.12
CA CYS D 32 -32.75 -16.33 28.70
C CYS D 32 -32.15 -14.96 28.37
N ILE D 33 -30.85 -14.98 28.11
CA ILE D 33 -30.09 -13.75 27.73
C ILE D 33 -30.22 -13.71 26.19
N ARG D 34 -30.98 -12.79 25.64
CA ARG D 34 -31.17 -12.77 24.17
C ARG D 34 -30.30 -11.74 23.48
N THR D 35 -29.24 -12.19 22.84
CA THR D 35 -28.29 -11.25 22.14
C THR D 35 -28.58 -11.23 20.64
N LYS D 36 -29.60 -10.45 20.30
CA LYS D 36 -30.22 -10.18 19.03
C LYS D 36 -29.74 -8.90 18.37
N VAL D 37 -28.49 -9.00 18.01
CA VAL D 37 -27.71 -7.99 17.31
C VAL D 37 -27.22 -8.90 16.16
N ASP D 38 -26.53 -8.28 15.27
CA ASP D 38 -25.97 -9.00 14.11
C ASP D 38 -24.47 -8.70 14.19
N ASP D 39 -24.18 -7.56 14.73
CA ASP D 39 -22.79 -7.17 14.98
C ASP D 39 -22.09 -8.26 15.80
N LEU D 40 -21.36 -9.21 15.21
CA LEU D 40 -20.75 -10.29 15.98
C LEU D 40 -20.20 -9.83 17.34
N PRO D 41 -19.19 -9.00 17.34
CA PRO D 41 -18.52 -8.54 18.57
C PRO D 41 -19.48 -7.95 19.58
N SER D 42 -20.58 -7.40 19.09
CA SER D 42 -21.55 -6.89 20.07
C SER D 42 -22.14 -8.13 20.77
N ARG D 43 -22.70 -9.00 19.93
CA ARG D 43 -23.34 -10.24 20.34
C ARG D 43 -22.55 -10.97 21.41
N LEU D 44 -21.25 -10.99 21.19
CA LEU D 44 -20.27 -11.60 22.08
C LEU D 44 -20.30 -10.88 23.44
N LYS D 45 -19.93 -9.62 23.30
CA LYS D 45 -19.86 -8.71 24.47
C LYS D 45 -21.06 -8.78 25.40
N LEU D 46 -22.24 -9.03 24.88
CA LEU D 46 -23.49 -9.12 25.63
C LEU D 46 -23.47 -10.46 26.39
N ILE D 47 -22.72 -11.40 25.84
CA ILE D 47 -22.64 -12.69 26.50
C ILE D 47 -21.75 -12.45 27.72
N TYR D 48 -20.58 -11.91 27.43
CA TYR D 48 -19.63 -11.62 28.54
C TYR D 48 -20.41 -10.92 29.63
N ALA D 49 -20.94 -9.77 29.37
CA ALA D 49 -21.74 -8.84 30.15
C ALA D 49 -22.89 -9.43 30.97
N GLY D 50 -23.87 -9.98 30.28
CA GLY D 50 -25.05 -10.59 30.93
C GLY D 50 -24.72 -11.75 31.86
N VAL D 51 -23.78 -12.56 31.51
CA VAL D 51 -23.32 -13.73 32.27
C VAL D 51 -22.56 -13.29 33.51
N THR D 52 -21.86 -12.17 33.31
CA THR D 52 -21.01 -11.57 34.36
C THR D 52 -21.92 -11.04 35.49
N GLU D 53 -23.00 -10.42 34.99
CA GLU D 53 -24.01 -9.83 35.89
C GLU D 53 -24.47 -10.91 36.88
N ILE D 54 -25.01 -11.94 36.27
CA ILE D 54 -25.58 -13.12 36.95
C ILE D 54 -24.65 -13.65 38.04
N ILE D 55 -23.39 -13.66 37.76
CA ILE D 55 -22.34 -14.13 38.65
C ILE D 55 -22.17 -13.22 39.88
N THR D 56 -22.27 -11.93 39.59
CA THR D 56 -22.06 -10.98 40.73
C THR D 56 -23.42 -10.61 41.28
N GLN D 57 -24.44 -11.21 40.69
CA GLN D 57 -25.85 -11.02 41.02
C GLN D 57 -26.32 -11.94 42.13
N PHE D 58 -26.07 -13.18 41.85
CA PHE D 58 -26.30 -14.39 42.66
C PHE D 58 -24.86 -14.66 43.07
N GLN D 59 -24.39 -15.23 44.12
CA GLN D 59 -22.88 -15.31 44.09
C GLN D 59 -22.68 -16.84 44.00
N PRO D 60 -22.44 -17.26 42.76
CA PRO D 60 -22.23 -18.65 42.39
C PRO D 60 -20.97 -19.27 43.00
N ASP D 61 -21.07 -20.50 43.42
CA ASP D 61 -20.00 -21.30 44.01
C ASP D 61 -19.35 -22.04 42.84
N TYR D 62 -20.15 -22.65 42.01
CA TYR D 62 -19.66 -23.42 40.84
C TYR D 62 -20.29 -22.99 39.53
N PHE D 63 -19.77 -23.46 38.41
CA PHE D 63 -20.40 -23.05 37.11
C PHE D 63 -20.39 -24.32 36.27
N ALA D 64 -21.55 -24.90 35.94
CA ALA D 64 -21.47 -26.09 35.09
C ALA D 64 -21.97 -25.64 33.70
N ILE D 65 -21.39 -26.34 32.75
CA ILE D 65 -21.56 -26.25 31.30
C ILE D 65 -21.55 -27.64 30.67
N GLU D 66 -22.16 -27.74 29.50
CA GLU D 66 -22.24 -29.01 28.78
C GLU D 66 -21.04 -29.31 27.89
N GLN D 67 -20.83 -30.61 27.67
CA GLN D 67 -19.76 -31.07 26.78
C GLN D 67 -20.54 -31.05 25.44
N VAL D 68 -19.93 -30.55 24.39
CA VAL D 68 -20.52 -30.42 23.06
C VAL D 68 -20.16 -31.58 22.16
N PHE D 69 -21.09 -32.50 21.94
CA PHE D 69 -20.74 -33.68 21.12
C PHE D 69 -21.45 -33.86 19.79
N MET D 70 -22.74 -34.11 19.72
CA MET D 70 -23.33 -34.32 18.37
C MET D 70 -22.75 -33.18 17.50
N ALA D 71 -21.76 -33.51 16.66
CA ALA D 71 -21.11 -32.55 15.79
C ALA D 71 -21.12 -32.90 14.30
N LYS D 72 -21.91 -32.08 13.64
CA LYS D 72 -22.15 -32.02 12.21
C LYS D 72 -22.42 -30.53 12.02
N ASN D 73 -22.47 -30.07 10.80
CA ASN D 73 -22.71 -28.66 10.48
C ASN D 73 -21.67 -27.82 11.22
N ALA D 74 -20.59 -27.63 10.55
CA ALA D 74 -19.38 -26.91 10.88
C ALA D 74 -19.66 -25.44 11.14
N ASP D 75 -20.47 -24.83 10.33
CA ASP D 75 -20.96 -23.46 10.30
C ASP D 75 -21.40 -23.12 11.72
N SER D 76 -22.16 -24.11 12.17
CA SER D 76 -22.81 -24.11 13.49
C SER D 76 -21.86 -24.33 14.66
N ALA D 77 -21.07 -25.38 14.68
CA ALA D 77 -20.19 -25.55 15.87
C ALA D 77 -19.38 -24.29 16.20
N LEU D 78 -18.79 -23.72 15.15
CA LEU D 78 -17.95 -22.51 15.22
C LEU D 78 -18.73 -21.43 16.00
N LYS D 79 -19.87 -21.13 15.41
CA LYS D 79 -20.69 -20.09 16.03
C LYS D 79 -21.17 -20.55 17.39
N LEU D 80 -21.28 -21.85 17.60
CA LEU D 80 -21.76 -22.32 18.93
C LEU D 80 -20.66 -21.90 19.91
N GLY D 81 -19.47 -22.31 19.53
CA GLY D 81 -18.13 -22.23 20.02
C GLY D 81 -17.60 -20.85 20.41
N GLN D 82 -18.02 -19.90 19.60
CA GLN D 82 -17.66 -18.51 19.82
C GLN D 82 -18.42 -18.07 21.07
N ALA D 83 -19.69 -18.37 21.12
CA ALA D 83 -20.62 -18.02 22.18
C ALA D 83 -20.36 -18.75 23.49
N ARG D 84 -19.82 -19.93 23.43
CA ARG D 84 -19.55 -20.74 24.61
C ARG D 84 -18.18 -20.45 25.19
N GLY D 85 -17.19 -20.15 24.36
CA GLY D 85 -15.82 -19.81 24.84
C GLY D 85 -15.91 -18.50 25.66
N VAL D 86 -16.70 -17.57 25.19
CA VAL D 86 -17.00 -16.29 25.79
C VAL D 86 -17.70 -16.50 27.15
N ALA D 87 -18.67 -17.38 27.24
CA ALA D 87 -19.39 -17.60 28.51
C ALA D 87 -18.48 -18.29 29.55
N ILE D 88 -17.65 -19.16 28.99
CA ILE D 88 -16.67 -19.91 29.75
C ILE D 88 -15.68 -18.84 30.21
N VAL D 89 -15.03 -18.15 29.30
CA VAL D 89 -14.04 -17.12 29.68
C VAL D 89 -14.56 -16.25 30.83
N ALA D 90 -15.77 -15.72 30.73
CA ALA D 90 -16.41 -14.86 31.72
C ALA D 90 -16.32 -15.29 33.19
N ALA D 91 -16.75 -16.51 33.43
CA ALA D 91 -16.79 -17.21 34.71
C ALA D 91 -15.41 -17.31 35.34
N VAL D 92 -14.44 -17.32 34.43
CA VAL D 92 -13.02 -17.39 34.83
C VAL D 92 -12.51 -16.01 35.24
N ASN D 93 -13.11 -15.01 34.59
CA ASN D 93 -12.66 -13.62 34.91
C ASN D 93 -13.15 -13.33 36.33
N GLN D 94 -14.19 -14.06 36.76
CA GLN D 94 -14.67 -13.90 38.18
C GLN D 94 -14.00 -15.08 38.86
N GLU D 95 -14.14 -15.79 39.91
CA GLU D 95 -13.06 -16.86 40.02
C GLU D 95 -13.56 -18.27 39.81
N LEU D 96 -14.82 -18.41 39.52
CA LEU D 96 -15.66 -19.57 39.34
C LEU D 96 -14.99 -20.71 38.56
N PRO D 97 -14.93 -21.81 39.27
CA PRO D 97 -14.38 -23.06 38.74
C PRO D 97 -15.44 -23.63 37.80
N VAL D 98 -14.98 -23.89 36.58
CA VAL D 98 -15.76 -24.37 35.46
C VAL D 98 -15.79 -25.90 35.47
N PHE D 99 -16.92 -26.40 35.07
CA PHE D 99 -17.38 -27.75 34.95
C PHE D 99 -18.18 -27.98 33.64
N GLU D 100 -17.83 -29.07 32.99
CA GLU D 100 -18.32 -29.62 31.77
C GLU D 100 -18.80 -31.06 31.79
N TYR D 101 -20.11 -31.29 31.82
CA TYR D 101 -20.52 -32.73 31.80
C TYR D 101 -21.23 -32.97 30.45
N ALA D 102 -21.19 -34.24 30.13
CA ALA D 102 -21.77 -34.80 28.89
C ALA D 102 -23.29 -34.84 28.97
N ALA D 103 -23.90 -34.56 27.82
CA ALA D 103 -25.38 -34.57 27.75
C ALA D 103 -25.86 -35.89 28.35
N ARG D 104 -25.04 -36.93 28.17
CA ARG D 104 -25.37 -38.24 28.73
C ARG D 104 -25.43 -38.10 30.25
N GLN D 105 -24.64 -37.27 30.89
CA GLN D 105 -24.73 -37.19 32.36
C GLN D 105 -26.00 -36.46 32.78
N VAL D 106 -26.36 -35.38 32.10
CA VAL D 106 -27.60 -34.67 32.50
C VAL D 106 -28.77 -35.67 32.33
N LYS D 107 -29.06 -36.06 31.12
CA LYS D 107 -30.12 -37.01 30.80
C LYS D 107 -30.21 -38.17 31.77
N GLN D 108 -29.11 -38.79 32.09
CA GLN D 108 -29.00 -39.94 33.02
C GLN D 108 -29.03 -39.43 34.46
N THR D 109 -28.83 -38.13 34.68
CA THR D 109 -28.93 -37.65 36.07
C THR D 109 -30.32 -37.11 36.43
N VAL D 110 -30.95 -36.27 35.61
CA VAL D 110 -32.27 -35.70 36.00
C VAL D 110 -33.45 -36.68 35.83
N VAL D 111 -33.35 -37.59 34.88
CA VAL D 111 -34.40 -38.58 34.63
C VAL D 111 -33.91 -40.02 34.75
N GLY D 112 -32.64 -40.26 34.60
CA GLY D 112 -32.13 -41.63 34.69
C GLY D 112 -32.13 -42.56 33.50
N ILE D 113 -32.16 -42.01 32.30
CA ILE D 113 -32.12 -42.73 31.03
C ILE D 113 -31.40 -41.86 30.00
N GLY D 114 -30.44 -42.49 29.34
CA GLY D 114 -29.65 -41.80 28.31
C GLY D 114 -30.37 -41.56 26.98
N SER D 115 -31.65 -41.87 26.85
CA SER D 115 -32.40 -41.68 25.60
C SER D 115 -33.47 -40.62 25.76
N ALA D 116 -33.54 -40.11 26.95
CA ALA D 116 -34.45 -39.07 27.43
C ALA D 116 -34.68 -37.95 26.43
N GLU D 117 -35.94 -37.78 25.99
CA GLU D 117 -36.22 -36.69 25.04
C GLU D 117 -36.29 -35.46 25.97
N LYS D 118 -35.66 -34.41 25.51
CA LYS D 118 -35.51 -33.09 26.10
C LYS D 118 -36.78 -32.63 26.79
N SER D 119 -37.87 -32.88 26.08
CA SER D 119 -39.18 -32.40 26.62
C SER D 119 -39.30 -32.99 28.02
N GLN D 120 -39.08 -34.26 28.14
CA GLN D 120 -39.12 -35.11 29.34
C GLN D 120 -37.99 -34.87 30.35
N VAL D 121 -36.98 -34.07 30.06
CA VAL D 121 -35.86 -33.79 30.99
C VAL D 121 -36.20 -32.47 31.71
N GLN D 122 -36.80 -31.63 30.88
CA GLN D 122 -37.35 -30.31 31.18
C GLN D 122 -38.58 -30.47 32.06
N HIS D 123 -39.05 -31.71 32.14
CA HIS D 123 -40.21 -32.10 32.94
C HIS D 123 -39.79 -32.33 34.38
N MET D 124 -38.67 -33.00 34.58
CA MET D 124 -38.10 -33.30 35.89
C MET D 124 -37.59 -32.05 36.64
N VAL D 125 -36.94 -31.16 35.93
CA VAL D 125 -36.38 -29.92 36.46
C VAL D 125 -37.56 -29.16 37.06
N ARG D 126 -38.54 -28.93 36.16
CA ARG D 126 -39.76 -28.21 36.59
C ARG D 126 -40.39 -28.85 37.83
N THR D 127 -40.26 -30.16 37.92
CA THR D 127 -40.83 -30.98 38.98
C THR D 127 -39.95 -31.08 40.23
N LEU D 128 -38.64 -31.04 40.00
CA LEU D 128 -37.61 -31.12 41.04
C LEU D 128 -37.66 -29.80 41.81
N LEU D 129 -37.96 -28.75 41.06
CA LEU D 129 -38.03 -27.38 41.62
C LEU D 129 -39.43 -26.82 41.82
N LYS D 130 -40.48 -27.60 41.82
CA LYS D 130 -41.89 -27.23 42.01
C LYS D 130 -42.13 -25.94 41.21
N LEU D 131 -41.57 -25.97 40.01
CA LEU D 131 -41.68 -24.81 39.13
C LEU D 131 -43.08 -24.62 38.59
N PRO D 132 -43.79 -23.68 39.19
CA PRO D 132 -45.19 -23.38 38.76
C PRO D 132 -44.96 -22.62 37.45
N ALA D 133 -44.29 -23.38 36.60
CA ALA D 133 -43.87 -22.97 35.29
C ALA D 133 -44.29 -23.78 34.09
N ASN D 134 -45.33 -23.22 33.50
CA ASN D 134 -45.87 -23.74 32.22
C ASN D 134 -44.87 -23.02 31.29
N PRO D 135 -44.55 -23.72 30.24
CA PRO D 135 -43.63 -23.19 29.23
C PRO D 135 -44.20 -21.91 28.62
N GLN D 136 -43.20 -21.19 28.28
CA GLN D 136 -42.88 -19.91 27.65
C GLN D 136 -41.35 -20.03 27.80
N ALA D 137 -40.61 -19.21 27.11
CA ALA D 137 -39.14 -19.27 27.26
C ALA D 137 -38.80 -19.19 28.73
N ASP D 138 -38.01 -20.11 29.19
CA ASP D 138 -37.46 -20.34 30.54
C ASP D 138 -36.15 -21.11 30.20
N ALA D 139 -35.29 -21.34 31.16
CA ALA D 139 -34.06 -22.05 30.80
C ALA D 139 -33.84 -23.35 31.52
N ALA D 140 -34.74 -24.31 31.33
CA ALA D 140 -34.65 -25.62 32.00
C ALA D 140 -33.49 -26.45 31.54
N ASP D 141 -32.84 -26.22 30.41
CA ASP D 141 -31.69 -27.10 30.05
C ASP D 141 -30.52 -26.54 30.85
N ALA D 142 -30.59 -25.24 31.12
CA ALA D 142 -29.65 -24.40 31.87
C ALA D 142 -29.70 -24.83 33.35
N LEU D 143 -30.92 -25.10 33.80
CA LEU D 143 -31.20 -25.55 35.14
C LEU D 143 -30.74 -27.02 35.25
N ALA D 144 -31.12 -27.83 34.27
CA ALA D 144 -30.80 -29.26 34.22
C ALA D 144 -29.30 -29.41 34.46
N ILE D 145 -28.52 -28.67 33.66
CA ILE D 145 -27.06 -28.71 33.80
C ILE D 145 -26.59 -28.49 35.25
N ALA D 146 -27.27 -27.60 35.94
CA ALA D 146 -26.92 -27.26 37.33
C ALA D 146 -27.29 -28.38 38.30
N ILE D 147 -28.44 -28.98 38.08
CA ILE D 147 -28.87 -30.07 38.96
C ILE D 147 -27.76 -31.12 38.83
N THR D 148 -27.50 -31.52 37.59
CA THR D 148 -26.52 -32.53 37.25
C THR D 148 -25.26 -32.35 38.10
N HIS D 149 -24.73 -31.13 37.96
CA HIS D 149 -23.54 -30.76 38.72
C HIS D 149 -23.62 -31.28 40.17
N CYS D 150 -24.74 -31.08 40.84
CA CYS D 150 -24.89 -31.47 42.25
C CYS D 150 -24.73 -32.98 42.47
N HIS D 151 -25.61 -33.67 41.81
CA HIS D 151 -25.66 -35.14 41.85
C HIS D 151 -24.24 -35.55 41.53
N VAL D 152 -23.88 -35.55 40.27
CA VAL D 152 -22.56 -35.95 39.75
C VAL D 152 -21.40 -35.65 40.71
N SER D 153 -21.49 -34.55 41.39
CA SER D 153 -20.48 -34.13 42.37
C SER D 153 -21.10 -34.16 43.78
N GLN D 154 -21.55 -35.36 44.12
CA GLN D 154 -22.17 -35.63 45.44
C GLN D 154 -22.04 -37.14 45.67
N ASN D 155 -21.23 -37.69 44.78
CA ASN D 155 -20.89 -39.12 44.76
C ASN D 155 -19.72 -39.26 43.77
N ALA D 156 -18.57 -38.75 44.23
CA ALA D 156 -17.32 -38.85 43.42
C ALA D 156 -16.48 -39.94 44.07
N MET D 157 -15.20 -40.00 43.91
CA MET D 157 -14.29 -40.97 44.53
C MET D 157 -14.55 -41.31 46.00
N GLN D 158 -14.49 -42.55 46.39
CA GLN D 158 -14.67 -43.08 47.76
C GLN D 158 -15.02 -42.01 48.80
#